data_4RTA
#
_entry.id   4RTA
#
_cell.length_a   89.579
_cell.length_b   89.579
_cell.length_c   53.202
_cell.angle_alpha   90.00
_cell.angle_beta   90.00
_cell.angle_gamma   90.00
#
_symmetry.space_group_name_H-M   'P 41 21 2'
#
loop_
_entity.id
_entity.type
_entity.pdbx_description
1 polymer 'Protein dpy-30 homolog'
2 non-polymer 'FORMIC ACID'
3 water water
#
_entity_poly.entity_id   1
_entity_poly.type   'polypeptide(L)'
_entity_poly.pdbx_seq_one_letter_code
;MEPEQMLEGQTQVAENPHSEYGLTDNVERIVENEKINAEKSSKQKVDLQSLPTRAYLDQTVVPILLQGLAVLAKERPPNP
IEFLASYLLKNKAQFEDRNLERPHRD
;
_entity_poly.pdbx_strand_id   A,B
#
# COMPACT_ATOMS: atom_id res chain seq x y z
N LYS A 45 -26.53 -2.15 15.73
CA LYS A 45 -26.20 -0.98 14.93
C LYS A 45 -24.73 -0.94 14.54
N VAL A 46 -24.37 -1.60 13.46
CA VAL A 46 -22.97 -1.64 13.04
C VAL A 46 -22.62 -0.41 12.20
N ASP A 47 -21.39 0.05 12.32
CA ASP A 47 -20.90 1.13 11.47
C ASP A 47 -19.42 0.90 11.27
N LEU A 48 -18.74 1.85 10.63
CA LEU A 48 -17.32 1.68 10.33
C LEU A 48 -16.50 1.45 11.59
N GLN A 49 -16.85 2.17 12.65
CA GLN A 49 -16.12 2.12 13.91
C GLN A 49 -16.26 0.77 14.60
N SER A 50 -17.33 0.06 14.30
CA SER A 50 -17.61 -1.19 15.00
C SER A 50 -17.18 -2.43 14.22
N LEU A 51 -16.89 -2.28 12.93
CA LEU A 51 -16.54 -3.43 12.12
C LEU A 51 -15.28 -4.14 12.59
N PRO A 52 -15.21 -5.45 12.37
CA PRO A 52 -13.95 -6.18 12.58
C PRO A 52 -12.86 -5.55 11.73
N THR A 53 -11.60 -5.73 12.13
CA THR A 53 -10.47 -5.06 11.49
C THR A 53 -10.43 -5.23 9.99
N ARG A 54 -10.49 -6.47 9.52
CA ARG A 54 -10.42 -6.77 8.09
C ARG A 54 -11.58 -6.16 7.29
N ALA A 55 -12.78 -6.23 7.86
CA ALA A 55 -13.96 -5.63 7.25
C ALA A 55 -13.79 -4.12 7.15
N TYR A 56 -13.30 -3.50 8.22
CA TYR A 56 -13.02 -2.06 8.18
C TYR A 56 -12.08 -1.68 7.04
N LEU A 57 -10.93 -2.36 6.97
CA LEU A 57 -9.97 -2.09 5.91
C LEU A 57 -10.54 -2.37 4.53
N ASP A 58 -11.30 -3.46 4.40
CA ASP A 58 -11.93 -3.81 3.12
C ASP A 58 -12.96 -2.76 2.70
N GLN A 59 -13.61 -2.15 3.69
CA GLN A 59 -14.54 -1.06 3.43
C GLN A 59 -13.88 0.27 3.05
N THR A 60 -12.67 0.52 3.54
CA THR A 60 -12.13 1.89 3.43
C THR A 60 -10.99 2.03 2.43
N VAL A 61 -9.94 1.22 2.57
CA VAL A 61 -8.71 1.47 1.81
C VAL A 61 -8.28 0.34 0.88
N VAL A 62 -8.82 -0.85 1.09
CA VAL A 62 -8.39 -1.97 0.26
C VAL A 62 -8.66 -1.76 -1.23
N PRO A 63 -9.85 -1.25 -1.62
CA PRO A 63 -10.04 -1.13 -3.08
C PRO A 63 -9.06 -0.14 -3.75
N ILE A 64 -8.88 1.05 -3.18
CA ILE A 64 -7.96 2.02 -3.79
C ILE A 64 -6.52 1.49 -3.72
N LEU A 65 -6.16 0.78 -2.65
CA LEU A 65 -4.79 0.22 -2.55
C LEU A 65 -4.56 -0.81 -3.64
N LEU A 66 -5.53 -1.70 -3.86
CA LEU A 66 -5.40 -2.71 -4.91
C LEU A 66 -5.12 -2.04 -6.25
N GLN A 67 -5.87 -0.98 -6.53
CA GLN A 67 -5.69 -0.29 -7.79
C GLN A 67 -4.32 0.38 -7.82
N GLY A 68 -4.00 1.10 -6.76
CA GLY A 68 -2.72 1.80 -6.68
C GLY A 68 -1.51 0.88 -6.72
N LEU A 69 -1.60 -0.23 -6.01
CA LEU A 69 -0.47 -1.14 -5.97
C LEU A 69 -0.26 -1.74 -7.34
N ALA A 70 -1.36 -1.98 -8.08
CA ALA A 70 -1.25 -2.51 -9.42
C ALA A 70 -0.57 -1.51 -10.35
N VAL A 71 -0.93 -0.23 -10.21
CA VAL A 71 -0.31 0.83 -11.00
C VAL A 71 1.17 0.97 -10.63
N LEU A 72 1.46 0.95 -9.34
CA LEU A 72 2.84 1.04 -8.86
C LEU A 72 3.70 -0.11 -9.38
N ALA A 73 3.17 -1.33 -9.39
CA ALA A 73 3.93 -2.49 -9.85
C ALA A 73 4.20 -2.43 -11.35
N LYS A 74 3.32 -1.75 -12.08
N LYS A 74 3.32 -1.73 -12.07
CA LYS A 74 3.53 -1.54 -13.51
CA LYS A 74 3.49 -1.53 -13.51
C LYS A 74 4.55 -0.45 -13.78
C LYS A 74 4.50 -0.43 -13.81
N GLU A 75 4.40 0.68 -13.10
CA GLU A 75 5.26 1.85 -13.36
C GLU A 75 6.69 1.66 -12.83
N ARG A 76 6.80 1.10 -11.64
CA ARG A 76 8.08 1.00 -10.93
C ARG A 76 8.83 2.34 -10.92
N PRO A 77 8.24 3.37 -10.30
CA PRO A 77 8.82 4.71 -10.29
C PRO A 77 10.00 4.81 -9.32
N PRO A 78 10.83 5.85 -9.46
CA PRO A 78 12.00 6.02 -8.59
C PRO A 78 11.66 6.19 -7.10
N ASN A 79 10.46 6.72 -6.82
CA ASN A 79 10.05 6.97 -5.44
C ASN A 79 8.71 6.30 -5.16
N PRO A 80 8.75 4.97 -4.93
CA PRO A 80 7.51 4.19 -4.89
C PRO A 80 6.58 4.53 -3.73
N ILE A 81 7.12 4.84 -2.55
CA ILE A 81 6.26 5.15 -1.42
C ILE A 81 5.53 6.48 -1.70
N GLU A 82 6.29 7.46 -2.15
CA GLU A 82 5.75 8.76 -2.50
C GLU A 82 4.73 8.60 -3.62
N PHE A 83 5.07 7.79 -4.62
CA PHE A 83 4.16 7.55 -5.73
C PHE A 83 2.82 6.97 -5.25
N LEU A 84 2.88 6.00 -4.35
CA LEU A 84 1.67 5.36 -3.85
C LEU A 84 0.86 6.34 -3.03
N ALA A 85 1.54 7.08 -2.17
CA ALA A 85 0.86 8.07 -1.35
C ALA A 85 0.17 9.12 -2.24
N SER A 86 0.89 9.55 -3.27
N SER A 86 0.87 9.56 -3.28
CA SER A 86 0.35 10.51 -4.24
CA SER A 86 0.30 10.53 -4.22
C SER A 86 -0.87 9.92 -4.96
C SER A 86 -0.88 9.92 -4.98
N TYR A 87 -0.76 8.65 -5.32
CA TYR A 87 -1.85 7.94 -6.01
C TYR A 87 -3.10 7.97 -5.16
N LEU A 88 -2.94 7.72 -3.87
CA LEU A 88 -4.06 7.68 -2.96
C LEU A 88 -4.76 9.04 -2.92
N LEU A 89 -3.97 10.09 -2.76
CA LEU A 89 -4.52 11.44 -2.73
C LEU A 89 -5.19 11.83 -4.04
N LYS A 90 -4.57 11.49 -5.17
CA LYS A 90 -5.14 11.88 -6.48
C LYS A 90 -6.46 11.18 -6.74
N ASN A 91 -6.57 9.91 -6.35
CA ASN A 91 -7.72 9.10 -6.71
C ASN A 91 -8.74 8.91 -5.57
N LYS A 92 -8.43 9.53 -4.44
N LYS A 92 -8.43 9.52 -4.44
CA LYS A 92 -9.30 9.55 -3.26
CA LYS A 92 -9.29 9.55 -3.26
C LYS A 92 -10.77 9.84 -3.60
C LYS A 92 -10.76 9.86 -3.58
N ALA A 93 -11.01 10.85 -4.41
CA ALA A 93 -12.37 11.28 -4.74
C ALA A 93 -13.22 10.17 -5.36
N GLN A 94 -12.60 9.28 -6.10
CA GLN A 94 -13.35 8.21 -6.75
C GLN A 94 -13.61 7.02 -5.83
N PHE A 95 -12.98 7.02 -4.65
CA PHE A 95 -13.10 5.87 -3.73
C PHE A 95 -13.66 6.25 -2.37
N GLU A 96 -13.55 7.54 -2.03
CA GLU A 96 -13.94 8.04 -0.72
C GLU A 96 -15.43 7.84 -0.43
N ASP A 97 -15.72 7.46 0.82
CA ASP A 97 -17.09 7.29 1.32
C ASP A 97 -17.99 6.37 0.49
N ARG A 98 -17.41 5.51 -0.33
CA ARG A 98 -18.18 4.52 -1.05
C ARG A 98 -18.28 3.25 -0.21
N ASN A 99 -18.90 3.42 0.95
CA ASN A 99 -18.91 2.41 1.99
C ASN A 99 -20.05 2.68 2.96
N LEU A 100 -20.00 2.11 4.15
CA LEU A 100 -21.02 2.36 5.15
C LEU A 100 -21.21 3.83 5.51
N GLU A 101 -20.15 4.63 5.40
CA GLU A 101 -20.18 6.03 5.82
C GLU A 101 -21.20 6.84 5.04
N ARG A 102 -21.31 6.55 3.73
CA ARG A 102 -22.30 7.19 2.86
C ARG A 102 -22.19 8.72 2.90
N THR B 24 4.73 -25.57 3.16
CA THR B 24 3.31 -25.35 2.83
C THR B 24 3.05 -23.87 2.56
N ASP B 25 3.86 -23.02 3.17
CA ASP B 25 3.73 -21.58 3.03
C ASP B 25 5.05 -20.98 2.61
N ASN B 26 6.14 -21.62 3.03
CA ASN B 26 7.49 -21.17 2.73
C ASN B 26 7.95 -21.74 1.39
N VAL B 27 7.03 -22.42 0.73
CA VAL B 27 7.21 -22.96 -0.61
C VAL B 27 6.69 -21.97 -1.65
N GLU B 28 7.62 -21.33 -2.34
CA GLU B 28 7.27 -20.33 -3.35
C GLU B 28 8.22 -20.43 -4.54
N ARG B 29 7.67 -20.85 -5.68
CA ARG B 29 8.44 -21.01 -6.90
C ARG B 29 9.01 -19.67 -7.39
N ILE B 30 10.31 -19.52 -7.29
CA ILE B 30 10.98 -18.40 -7.92
C ILE B 30 11.73 -18.91 -9.15
N VAL B 31 11.65 -20.21 -9.36
CA VAL B 31 12.21 -20.83 -10.57
C VAL B 31 11.44 -20.35 -11.79
N GLU B 32 10.20 -19.93 -11.54
CA GLU B 32 9.37 -19.24 -12.54
C GLU B 32 10.07 -18.00 -13.07
N ASN B 33 10.43 -17.11 -12.16
CA ASN B 33 10.94 -15.78 -12.52
C ASN B 33 12.36 -15.83 -13.06
N GLU B 34 13.10 -16.86 -12.69
CA GLU B 34 14.49 -17.01 -13.10
C GLU B 34 14.61 -17.56 -14.52
N LYS B 35 13.57 -18.29 -14.94
CA LYS B 35 13.52 -18.85 -16.28
C LYS B 35 13.33 -17.77 -17.35
N GLN B 44 21.45 -10.67 -15.93
CA GLN B 44 21.68 -11.42 -14.71
C GLN B 44 21.50 -10.53 -13.47
N LYS B 45 22.13 -9.36 -13.51
CA LYS B 45 22.13 -8.46 -12.35
C LYS B 45 20.71 -8.05 -11.98
N VAL B 46 20.34 -8.39 -10.76
CA VAL B 46 19.00 -8.17 -10.25
C VAL B 46 18.89 -6.79 -9.60
N ASP B 47 17.90 -6.01 -10.02
CA ASP B 47 17.58 -4.75 -9.36
C ASP B 47 16.08 -4.65 -9.17
N LEU B 48 15.61 -3.55 -8.59
CA LEU B 48 14.18 -3.39 -8.35
C LEU B 48 13.37 -3.52 -9.62
N GLN B 49 13.90 -3.04 -10.73
CA GLN B 49 13.17 -3.03 -11.99
C GLN B 49 12.93 -4.42 -12.54
N SER B 50 13.82 -5.36 -12.21
CA SER B 50 13.74 -6.71 -12.76
C SER B 50 13.09 -7.72 -11.80
N LEU B 51 12.83 -7.30 -10.56
CA LEU B 51 12.23 -8.20 -9.59
C LEU B 51 10.83 -8.61 -9.99
N PRO B 52 10.41 -9.80 -9.58
CA PRO B 52 9.01 -10.18 -9.82
C PRO B 52 8.10 -9.24 -9.04
N THR B 53 6.83 -9.16 -9.45
CA THR B 53 5.90 -8.20 -8.87
C THR B 53 5.84 -8.25 -7.35
N ARG B 54 5.63 -9.43 -6.80
CA ARG B 54 5.49 -9.58 -5.36
C ARG B 54 6.76 -9.13 -4.61
N ALA B 55 7.91 -9.52 -5.13
CA ALA B 55 9.18 -9.16 -4.52
C ALA B 55 9.39 -7.66 -4.57
N TYR B 56 9.03 -7.07 -5.70
CA TYR B 56 9.16 -5.62 -5.89
C TYR B 56 8.37 -4.86 -4.83
N LEU B 57 7.09 -5.22 -4.68
CA LEU B 57 6.22 -4.63 -3.68
C LEU B 57 6.72 -4.85 -2.25
N ASP B 58 7.15 -6.07 -1.96
CA ASP B 58 7.69 -6.41 -0.65
C ASP B 58 8.97 -5.63 -0.32
N GLN B 59 9.77 -5.36 -1.35
CA GLN B 59 10.97 -4.53 -1.18
C GLN B 59 10.66 -3.04 -0.98
N THR B 60 9.51 -2.55 -1.48
CA THR B 60 9.31 -1.11 -1.52
C THR B 60 8.23 -0.57 -0.61
N VAL B 61 7.02 -1.14 -0.67
CA VAL B 61 5.91 -0.52 0.06
C VAL B 61 5.26 -1.38 1.13
N VAL B 62 5.46 -2.70 1.08
CA VAL B 62 4.73 -3.55 2.00
C VAL B 62 5.08 -3.26 3.47
N PRO B 63 6.38 -3.06 3.80
CA PRO B 63 6.65 -2.73 5.21
C PRO B 63 5.91 -1.51 5.74
N ILE B 64 6.01 -0.37 5.05
CA ILE B 64 5.39 0.85 5.55
C ILE B 64 3.85 0.70 5.49
N LEU B 65 3.36 -0.01 4.48
CA LEU B 65 1.90 -0.26 4.38
C LEU B 65 1.42 -1.09 5.56
N LEU B 66 2.16 -2.13 5.92
CA LEU B 66 1.77 -2.97 7.05
C LEU B 66 1.66 -2.13 8.31
N GLN B 67 2.63 -1.25 8.51
CA GLN B 67 2.65 -0.41 9.69
C GLN B 67 1.48 0.59 9.63
N GLY B 68 1.32 1.24 8.49
CA GLY B 68 0.25 2.22 8.33
C GLY B 68 -1.16 1.63 8.45
N LEU B 69 -1.35 0.46 7.83
CA LEU B 69 -2.66 -0.19 7.91
C LEU B 69 -3.00 -0.55 9.34
N ALA B 70 -1.98 -0.97 10.10
CA ALA B 70 -2.17 -1.27 11.51
C ALA B 70 -2.57 -0.01 12.29
N VAL B 71 -1.87 1.09 12.05
CA VAL B 71 -2.18 2.36 12.72
C VAL B 71 -3.60 2.80 12.33
N LEU B 72 -3.93 2.71 11.03
CA LEU B 72 -5.26 3.08 10.55
C LEU B 72 -6.39 2.27 11.20
N ALA B 73 -6.21 0.95 11.29
CA ALA B 73 -7.23 0.08 11.88
C ALA B 73 -7.48 0.37 13.36
N LYS B 74 -6.44 0.82 14.04
CA LYS B 74 -6.55 1.13 15.46
C LYS B 74 -7.23 2.48 15.70
N GLU B 75 -6.95 3.45 14.82
CA GLU B 75 -7.47 4.80 14.99
C GLU B 75 -8.89 4.96 14.46
N ARG B 76 -9.15 4.36 13.30
CA ARG B 76 -10.41 4.50 12.58
C ARG B 76 -10.81 5.97 12.41
N PRO B 77 -10.01 6.74 11.65
CA PRO B 77 -10.27 8.19 11.48
C PRO B 77 -11.36 8.49 10.45
N PRO B 78 -11.88 9.72 10.45
CA PRO B 78 -12.94 10.11 9.52
C PRO B 78 -12.55 10.05 8.03
N ASN B 79 -11.26 10.21 7.74
CA ASN B 79 -10.79 10.26 6.36
C ASN B 79 -9.67 9.23 6.18
N PRO B 80 -10.03 7.94 6.09
CA PRO B 80 -9.03 6.87 6.10
C PRO B 80 -8.08 6.83 4.91
N ILE B 81 -8.54 7.14 3.71
CA ILE B 81 -7.64 7.12 2.58
C ILE B 81 -6.60 8.25 2.73
N GLU B 82 -7.10 9.43 3.05
CA GLU B 82 -6.25 10.59 3.33
C GLU B 82 -5.26 10.32 4.45
N PHE B 83 -5.76 9.71 5.52
CA PHE B 83 -4.94 9.38 6.68
C PHE B 83 -3.82 8.40 6.31
N LEU B 84 -4.15 7.39 5.51
N LEU B 84 -4.15 7.39 5.51
CA LEU B 84 -3.15 6.41 5.12
CA LEU B 84 -3.16 6.40 5.10
C LEU B 84 -2.09 7.05 4.24
C LEU B 84 -2.09 7.02 4.21
N ALA B 85 -2.52 7.85 3.27
CA ALA B 85 -1.59 8.62 2.44
C ALA B 85 -0.69 9.53 3.29
N SER B 86 -1.27 10.20 4.28
CA SER B 86 -0.50 11.06 5.17
C SER B 86 0.52 10.24 5.94
N TYR B 87 0.09 9.07 6.43
CA TYR B 87 0.98 8.17 7.17
C TYR B 87 2.18 7.81 6.31
N LEU B 88 1.94 7.45 5.06
N LEU B 88 1.94 7.45 5.06
CA LEU B 88 3.03 7.11 4.15
CA LEU B 88 3.03 7.10 4.15
C LEU B 88 4.01 8.27 4.00
C LEU B 88 4.00 8.26 3.97
N LEU B 89 3.46 9.45 3.76
CA LEU B 89 4.28 10.61 3.54
C LEU B 89 5.08 10.93 4.80
N LYS B 90 4.44 10.87 5.95
CA LYS B 90 5.10 11.26 7.20
C LYS B 90 6.23 10.28 7.57
N ASN B 91 6.05 9.00 7.25
CA ASN B 91 7.02 7.97 7.67
C ASN B 91 7.88 7.45 6.53
N LYS B 92 7.68 7.99 5.33
CA LYS B 92 8.52 7.65 4.19
C LYS B 92 10.03 7.66 4.51
N ALA B 93 10.49 8.71 5.21
CA ALA B 93 11.91 8.84 5.53
C ALA B 93 12.48 7.64 6.31
N GLN B 94 11.67 7.00 7.15
CA GLN B 94 12.18 5.82 7.86
C GLN B 94 12.15 4.56 7.00
N PHE B 95 11.46 4.59 5.86
CA PHE B 95 11.32 3.36 5.07
C PHE B 95 11.93 3.41 3.68
N GLU B 96 12.07 4.61 3.13
CA GLU B 96 12.56 4.73 1.76
C GLU B 96 13.98 4.24 1.63
N ASP B 97 14.33 3.75 0.43
CA ASP B 97 15.68 3.29 0.12
C ASP B 97 16.27 2.23 1.07
N ARG B 98 15.43 1.61 1.90
N ARG B 98 15.42 1.62 1.90
CA ARG B 98 15.87 0.51 2.72
CA ARG B 98 15.83 0.50 2.74
C ARG B 98 15.59 -0.79 1.98
C ARG B 98 15.58 -0.79 1.98
N ASN B 99 16.20 -0.93 0.82
CA ASN B 99 15.97 -2.03 -0.09
C ASN B 99 17.13 -2.21 -1.03
N LEU B 100 16.88 -2.91 -2.12
CA LEU B 100 17.91 -3.34 -3.07
C LEU B 100 18.62 -2.19 -3.78
N GLU B 101 18.13 -0.98 -3.59
CA GLU B 101 18.78 0.17 -4.21
C GLU B 101 19.01 1.26 -3.18
N ARG B 102 20.22 1.30 -2.63
CA ARG B 102 20.58 2.28 -1.61
C ARG B 102 20.91 3.63 -2.22
#